data_1Q11
#
_entry.id   1Q11
#
_cell.length_a   75.825
_cell.length_b   162.989
_cell.length_c   35.267
_cell.angle_alpha   90.00
_cell.angle_beta   90.00
_cell.angle_gamma   90.00
#
_symmetry.space_group_name_H-M   'P 21 21 2'
#
loop_
_entity.id
_entity.type
_entity.pdbx_description
1 polymer 'Tyrosyl-tRNA synthetase'
2 non-polymer 'PHOSPHATE ION'
3 non-polymer 'POTASSIUM ION'
4 non-polymer 4-[(2S)-2-amino-3-hydroxypropyl]phenol
5 non-polymer GLYCEROL
6 water water
#
_entity_poly.entity_id   1
_entity_poly.type   'polypeptide(L)'
_entity_poly.pdbx_seq_one_letter_code
;MGDAPSPEEKLHLITRNLQEVLGEEKLKEILKERELKIYWGTATTGKPHVAYFVPMSKIADFLKAGCEVTILFADLHAYL
DNMKAPWELLELRVSYYENVIKAMLESIGVPLEKLKFIKGTDYQLSKEYTLDVYRLSSVVTQHDSKKAGAEVVKQVEHPL
LSGLLYPGLQALDEEYLKVDAQFGGIDQRKIFTFAEKYLPALGYSKRVHLMNPMVPGLTGSKMSSSEEESKIDLLDRKED
VKKKLKKAFCEPGNVENNGVLSFIKHVLFPLKSEFVILRDEKWGGNKTYTAYVDLEKDFAAEVVHPGDLKNSVEVALNKL
LDPIREKFNTPALKKLASAAYPDPSKQKPMAKGPAKNSEPEEVILEHHHHHH
;
_entity_poly.pdbx_strand_id   A
#
loop_
_chem_comp.id
_chem_comp.type
_chem_comp.name
_chem_comp.formula
GOL non-polymer GLYCEROL 'C3 H8 O3'
K non-polymer 'POTASSIUM ION' 'K 1'
PO4 non-polymer 'PHOSPHATE ION' 'O4 P -3'
#
# COMPACT_ATOMS: atom_id res chain seq x y z
N ALA A 4 -27.21 1.35 -5.43
CA ALA A 4 -25.90 2.06 -5.47
C ALA A 4 -25.01 1.65 -4.31
N PRO A 5 -23.68 1.64 -4.53
CA PRO A 5 -23.05 2.01 -5.79
C PRO A 5 -23.35 1.04 -6.93
N SER A 6 -23.41 1.58 -8.14
CA SER A 6 -23.67 0.78 -9.34
C SER A 6 -22.37 0.09 -9.72
N PRO A 7 -22.42 -0.86 -10.68
CA PRO A 7 -21.19 -1.54 -11.08
C PRO A 7 -20.19 -0.52 -11.63
N GLU A 8 -20.69 0.49 -12.32
CA GLU A 8 -19.83 1.53 -12.89
C GLU A 8 -19.19 2.36 -11.79
N GLU A 9 -19.97 2.71 -10.77
CA GLU A 9 -19.46 3.50 -9.65
C GLU A 9 -18.41 2.70 -8.89
N LYS A 10 -18.65 1.40 -8.74
CA LYS A 10 -17.69 0.55 -8.05
C LYS A 10 -16.39 0.49 -8.83
N LEU A 11 -16.48 0.34 -10.16
CA LEU A 11 -15.28 0.27 -10.98
C LEU A 11 -14.45 1.54 -10.84
N HIS A 12 -15.13 2.69 -10.81
CA HIS A 12 -14.42 3.96 -10.67
C HIS A 12 -13.69 4.05 -9.33
N LEU A 13 -14.38 3.70 -8.25
CA LEU A 13 -13.75 3.75 -6.94
C LEU A 13 -12.57 2.81 -6.86
N ILE A 14 -12.74 1.61 -7.41
CA ILE A 14 -11.68 0.61 -7.38
C ILE A 14 -10.45 1.00 -8.19
N THR A 15 -10.67 1.55 -9.38
CA THR A 15 -9.55 1.87 -10.26
C THR A 15 -9.02 3.31 -10.27
N ARG A 16 -9.69 4.24 -9.60
CA ARG A 16 -9.19 5.61 -9.62
C ARG A 16 -7.80 5.71 -9.02
N ASN A 17 -6.98 6.59 -9.62
CA ASN A 17 -5.60 6.83 -9.20
C ASN A 17 -4.61 5.71 -9.51
N LEU A 18 -5.08 4.57 -10.01
CA LEU A 18 -4.17 3.49 -10.36
C LEU A 18 -3.38 3.83 -11.61
N GLN A 19 -2.19 3.25 -11.74
CA GLN A 19 -1.39 3.48 -12.93
C GLN A 19 -1.82 2.50 -14.03
N GLU A 20 -2.16 1.28 -13.64
CA GLU A 20 -2.55 0.28 -14.63
C GLU A 20 -3.47 -0.81 -14.08
N VAL A 21 -4.36 -1.26 -14.93
CA VAL A 21 -5.31 -2.32 -14.60
C VAL A 21 -5.12 -3.48 -15.57
N LEU A 22 -4.89 -4.67 -15.03
CA LEU A 22 -4.77 -5.87 -15.84
C LEU A 22 -6.02 -6.69 -15.55
N GLY A 23 -6.75 -7.08 -16.59
CA GLY A 23 -7.95 -7.88 -16.42
C GLY A 23 -9.27 -7.13 -16.36
N GLU A 24 -9.37 -6.01 -17.09
CA GLU A 24 -10.62 -5.25 -17.07
C GLU A 24 -11.84 -6.08 -17.47
N GLU A 25 -11.68 -6.98 -18.43
CA GLU A 25 -12.81 -7.79 -18.87
C GLU A 25 -13.42 -8.58 -17.72
N LYS A 26 -12.59 -9.33 -17.02
CA LYS A 26 -13.05 -10.14 -15.89
C LYS A 26 -13.55 -9.26 -14.75
N LEU A 27 -12.85 -8.16 -14.50
CA LEU A 27 -13.24 -7.25 -13.44
C LEU A 27 -14.68 -6.78 -13.64
N LYS A 28 -15.03 -6.38 -14.87
CA LYS A 28 -16.38 -5.93 -15.13
C LYS A 28 -17.39 -7.08 -15.07
N GLU A 29 -16.98 -8.28 -15.44
CA GLU A 29 -17.87 -9.42 -15.38
C GLU A 29 -18.25 -9.69 -13.94
N ILE A 30 -17.26 -9.58 -13.05
CA ILE A 30 -17.49 -9.81 -11.63
C ILE A 30 -18.40 -8.75 -11.02
N LEU A 31 -18.09 -7.48 -11.26
CA LEU A 31 -18.87 -6.38 -10.71
C LEU A 31 -20.33 -6.34 -11.16
N LYS A 32 -20.63 -6.98 -12.29
CA LYS A 32 -22.01 -7.01 -12.76
C LYS A 32 -22.85 -7.94 -11.91
N GLU A 33 -22.21 -8.90 -11.26
CA GLU A 33 -22.91 -9.90 -10.45
C GLU A 33 -22.70 -9.89 -8.95
N ARG A 34 -21.47 -9.62 -8.52
CA ARG A 34 -21.15 -9.69 -7.10
C ARG A 34 -20.05 -8.74 -6.66
N GLU A 35 -19.65 -8.87 -5.40
CA GLU A 35 -18.59 -8.04 -4.85
C GLU A 35 -17.25 -8.66 -5.21
N LEU A 36 -16.28 -7.80 -5.49
CA LEU A 36 -14.94 -8.25 -5.85
C LEU A 36 -14.17 -8.66 -4.60
N LYS A 37 -13.44 -9.77 -4.67
CA LYS A 37 -12.61 -10.24 -3.55
C LYS A 37 -11.19 -9.80 -3.92
N ILE A 38 -10.56 -9.01 -3.07
CA ILE A 38 -9.23 -8.49 -3.37
C ILE A 38 -8.35 -8.46 -2.12
N TYR A 39 -7.04 -8.57 -2.33
CA TYR A 39 -6.13 -8.49 -1.20
C TYR A 39 -4.92 -7.64 -1.55
N TRP A 40 -4.24 -7.19 -0.50
CA TRP A 40 -3.02 -6.39 -0.62
C TRP A 40 -2.08 -7.04 0.39
N GLY A 41 -0.84 -7.26 0.00
CA GLY A 41 0.10 -7.86 0.92
C GLY A 41 1.29 -6.96 1.22
N THR A 42 1.85 -7.14 2.40
CA THR A 42 3.01 -6.37 2.80
C THR A 42 3.91 -7.28 3.62
N ALA A 43 5.19 -7.34 3.26
CA ALA A 43 6.14 -8.18 3.98
C ALA A 43 6.39 -7.49 5.32
N THR A 44 6.43 -8.24 6.41
CA THR A 44 6.64 -7.61 7.71
C THR A 44 8.13 -7.30 7.91
N THR A 45 8.58 -6.25 7.23
CA THR A 45 9.97 -5.83 7.29
C THR A 45 10.17 -4.56 8.10
N GLY A 46 10.43 -3.45 7.41
CA GLY A 46 10.67 -2.19 8.10
C GLY A 46 9.44 -1.56 8.72
N LYS A 47 9.67 -0.69 9.69
CA LYS A 47 8.58 0.00 10.39
C LYS A 47 7.76 0.81 9.38
N PRO A 48 6.44 0.56 9.32
CA PRO A 48 5.61 1.32 8.36
C PRO A 48 5.68 2.82 8.63
N HIS A 49 5.77 3.60 7.55
CA HIS A 49 5.82 5.05 7.65
C HIS A 49 4.64 5.69 6.94
N VAL A 50 4.60 7.02 6.89
CA VAL A 50 3.47 7.71 6.27
C VAL A 50 3.14 7.35 4.84
N ALA A 51 4.11 6.82 4.10
CA ALA A 51 3.86 6.44 2.71
C ALA A 51 2.80 5.35 2.63
N TYR A 52 2.63 4.60 3.72
CA TYR A 52 1.63 3.53 3.73
C TYR A 52 0.22 4.05 3.60
N PHE A 53 0.01 5.34 3.83
CA PHE A 53 -1.33 5.89 3.69
C PHE A 53 -1.79 5.80 2.24
N VAL A 54 -0.84 5.67 1.31
CA VAL A 54 -1.19 5.56 -0.09
C VAL A 54 -1.94 4.24 -0.34
N PRO A 55 -1.32 3.08 -0.03
CA PRO A 55 -2.09 1.87 -0.28
C PRO A 55 -3.34 1.78 0.61
N MET A 56 -3.26 2.33 1.81
CA MET A 56 -4.43 2.30 2.71
C MET A 56 -5.60 3.07 2.10
N SER A 57 -5.30 4.11 1.33
CA SER A 57 -6.35 4.90 0.69
C SER A 57 -7.04 4.09 -0.40
N LYS A 58 -6.30 3.24 -1.10
CA LYS A 58 -6.93 2.42 -2.11
C LYS A 58 -7.76 1.34 -1.42
N ILE A 59 -7.28 0.86 -0.28
CA ILE A 59 -8.02 -0.14 0.48
C ILE A 59 -9.35 0.49 0.89
N ALA A 60 -9.31 1.76 1.30
CA ALA A 60 -10.53 2.46 1.69
C ALA A 60 -11.48 2.53 0.49
N ASP A 61 -10.93 2.79 -0.69
CA ASP A 61 -11.73 2.84 -1.91
C ASP A 61 -12.37 1.49 -2.19
N PHE A 62 -11.61 0.41 -2.00
CA PHE A 62 -12.16 -0.92 -2.26
C PHE A 62 -13.33 -1.22 -1.35
N LEU A 63 -13.22 -0.84 -0.08
CA LEU A 63 -14.30 -1.08 0.86
C LEU A 63 -15.53 -0.25 0.51
N LYS A 64 -15.31 0.99 0.08
CA LYS A 64 -16.44 1.85 -0.31
C LYS A 64 -17.15 1.25 -1.51
N ALA A 65 -16.40 0.49 -2.33
CA ALA A 65 -16.96 -0.14 -3.51
C ALA A 65 -17.61 -1.49 -3.18
N GLY A 66 -17.65 -1.83 -1.89
CA GLY A 66 -18.26 -3.07 -1.47
C GLY A 66 -17.39 -4.32 -1.56
N CYS A 67 -16.12 -4.15 -1.86
CA CYS A 67 -15.22 -5.30 -1.99
C CYS A 67 -15.00 -6.05 -0.70
N GLU A 68 -14.66 -7.33 -0.84
CA GLU A 68 -14.31 -8.18 0.30
C GLU A 68 -12.79 -8.04 0.27
N VAL A 69 -12.25 -7.36 1.27
CA VAL A 69 -10.81 -7.08 1.31
C VAL A 69 -10.04 -7.87 2.35
N THR A 70 -8.88 -8.36 1.93
CA THR A 70 -8.00 -9.11 2.80
C THR A 70 -6.65 -8.39 2.82
N ILE A 71 -6.05 -8.28 4.01
CA ILE A 71 -4.72 -7.68 4.11
C ILE A 71 -3.83 -8.81 4.60
N LEU A 72 -2.81 -9.11 3.82
CA LEU A 72 -1.86 -10.17 4.15
C LEU A 72 -0.57 -9.64 4.75
N PHE A 73 -0.22 -10.15 5.93
CA PHE A 73 1.03 -9.77 6.57
C PHE A 73 1.94 -10.93 6.18
N ALA A 74 2.74 -10.70 5.15
CA ALA A 74 3.63 -11.71 4.59
C ALA A 74 4.90 -11.87 5.40
N ASP A 75 4.80 -12.61 6.50
CA ASP A 75 5.95 -12.83 7.36
C ASP A 75 6.98 -13.78 6.75
N LEU A 76 6.53 -14.84 6.10
CA LEU A 76 7.48 -15.77 5.48
C LEU A 76 8.22 -15.04 4.35
N HIS A 77 7.52 -14.17 3.63
CA HIS A 77 8.16 -13.43 2.55
C HIS A 77 9.24 -12.50 3.08
N ALA A 78 9.00 -11.91 4.25
CA ALA A 78 9.98 -11.02 4.85
C ALA A 78 11.25 -11.80 5.13
N TYR A 79 11.09 -13.06 5.54
CA TYR A 79 12.22 -13.93 5.83
C TYR A 79 12.93 -14.37 4.55
N LEU A 80 12.16 -14.65 3.51
CA LEU A 80 12.72 -15.10 2.23
C LEU A 80 13.42 -13.99 1.45
N ASP A 81 13.12 -12.74 1.77
CA ASP A 81 13.75 -11.63 1.07
C ASP A 81 15.02 -11.18 1.77
N ASN A 82 16.06 -12.00 1.66
CA ASN A 82 17.35 -11.73 2.28
C ASN A 82 17.23 -11.44 3.78
N MET A 83 16.36 -12.20 4.43
CA MET A 83 16.13 -12.07 5.87
C MET A 83 16.01 -10.63 6.35
N LYS A 84 15.04 -9.90 5.79
CA LYS A 84 14.82 -8.52 6.19
C LYS A 84 14.20 -8.49 7.58
N ALA A 85 14.24 -9.64 8.25
CA ALA A 85 13.69 -9.78 9.60
C ALA A 85 13.88 -11.22 10.07
N PRO A 86 14.59 -11.40 11.20
CA PRO A 86 14.82 -12.75 11.74
C PRO A 86 13.49 -13.43 12.09
N TRP A 87 13.52 -14.76 12.17
CA TRP A 87 12.29 -15.50 12.47
C TRP A 87 11.74 -15.24 13.86
N GLU A 88 12.60 -14.93 14.82
CA GLU A 88 12.15 -14.66 16.18
C GLU A 88 11.44 -13.32 16.28
N LEU A 89 11.96 -12.33 15.56
CA LEU A 89 11.37 -10.99 15.57
C LEU A 89 10.19 -10.87 14.62
N LEU A 90 10.05 -11.84 13.71
CA LEU A 90 8.96 -11.81 12.75
C LEU A 90 7.59 -11.70 13.43
N GLU A 91 7.35 -12.54 14.43
CA GLU A 91 6.07 -12.50 15.12
C GLU A 91 5.83 -11.17 15.82
N LEU A 92 6.89 -10.54 16.31
CA LEU A 92 6.76 -9.24 16.96
C LEU A 92 6.45 -8.20 15.90
N ARG A 93 7.10 -8.32 14.75
CA ARG A 93 6.86 -7.37 13.67
C ARG A 93 5.49 -7.56 13.05
N VAL A 94 4.98 -8.78 13.06
CA VAL A 94 3.63 -9.02 12.55
C VAL A 94 2.69 -8.26 13.47
N SER A 95 2.93 -8.36 14.78
CA SER A 95 2.10 -7.68 15.76
C SER A 95 2.16 -6.17 15.56
N TYR A 96 3.37 -5.65 15.38
CA TYR A 96 3.55 -4.21 15.17
C TYR A 96 2.79 -3.78 13.92
N TYR A 97 2.97 -4.52 12.83
CA TYR A 97 2.29 -4.22 11.57
C TYR A 97 0.78 -4.23 11.73
N GLU A 98 0.25 -5.28 12.36
CA GLU A 98 -1.18 -5.39 12.56
C GLU A 98 -1.72 -4.20 13.33
N ASN A 99 -1.06 -3.87 14.42
CA ASN A 99 -1.49 -2.76 15.26
C ASN A 99 -1.43 -1.41 14.55
N VAL A 100 -0.32 -1.13 13.86
CA VAL A 100 -0.18 0.15 13.19
C VAL A 100 -1.03 0.29 11.92
N ILE A 101 -1.23 -0.81 11.20
CA ILE A 101 -2.04 -0.76 9.98
C ILE A 101 -3.51 -0.57 10.38
N LYS A 102 -3.93 -1.25 11.44
CA LYS A 102 -5.30 -1.11 11.89
C LYS A 102 -5.51 0.31 12.40
N ALA A 103 -4.48 0.88 13.02
CA ALA A 103 -4.55 2.24 13.55
C ALA A 103 -4.72 3.25 12.40
N MET A 104 -3.99 3.02 11.31
CA MET A 104 -4.09 3.90 10.15
C MET A 104 -5.49 3.86 9.55
N LEU A 105 -6.02 2.64 9.42
CA LEU A 105 -7.34 2.45 8.85
C LEU A 105 -8.41 3.11 9.71
N GLU A 106 -8.27 3.01 11.03
CA GLU A 106 -9.23 3.63 11.93
C GLU A 106 -9.12 5.14 11.82
N SER A 107 -7.89 5.62 11.67
CA SER A 107 -7.65 7.06 11.56
C SER A 107 -8.33 7.66 10.34
N ILE A 108 -8.27 6.97 9.19
CA ILE A 108 -8.90 7.49 7.99
C ILE A 108 -10.37 7.07 7.87
N GLY A 109 -10.91 6.56 8.97
CA GLY A 109 -12.31 6.16 9.01
C GLY A 109 -12.73 4.96 8.19
N VAL A 110 -11.87 3.96 8.10
CA VAL A 110 -12.21 2.76 7.35
C VAL A 110 -12.75 1.71 8.32
N PRO A 111 -13.96 1.19 8.07
CA PRO A 111 -14.54 0.18 8.96
C PRO A 111 -13.70 -1.09 8.93
N LEU A 112 -13.28 -1.54 10.11
CA LEU A 112 -12.44 -2.74 10.22
C LEU A 112 -13.22 -4.03 10.40
N GLU A 113 -14.48 -3.93 10.82
CA GLU A 113 -15.30 -5.11 11.07
C GLU A 113 -15.41 -6.06 9.87
N LYS A 114 -15.27 -5.53 8.66
CA LYS A 114 -15.39 -6.33 7.46
C LYS A 114 -14.07 -6.75 6.80
N LEU A 115 -12.98 -6.12 7.23
CA LEU A 115 -11.65 -6.44 6.68
C LEU A 115 -11.12 -7.73 7.26
N LYS A 116 -10.43 -8.51 6.43
CA LYS A 116 -9.85 -9.77 6.90
C LYS A 116 -8.34 -9.61 6.98
N PHE A 117 -7.79 -9.89 8.15
CA PHE A 117 -6.35 -9.80 8.36
C PHE A 117 -5.82 -11.22 8.47
N ILE A 118 -4.78 -11.53 7.73
CA ILE A 118 -4.19 -12.86 7.78
C ILE A 118 -2.68 -12.81 7.71
N LYS A 119 -2.04 -13.74 8.41
CA LYS A 119 -0.60 -13.84 8.44
C LYS A 119 -0.18 -14.97 7.51
N GLY A 120 0.87 -14.74 6.72
CA GLY A 120 1.34 -15.75 5.78
C GLY A 120 1.53 -17.13 6.38
N THR A 121 2.28 -17.21 7.48
CA THR A 121 2.54 -18.51 8.10
C THR A 121 1.29 -19.22 8.60
N ASP A 122 0.14 -18.55 8.54
CA ASP A 122 -1.11 -19.17 8.97
C ASP A 122 -1.47 -20.29 8.00
N TYR A 123 -0.98 -20.21 6.76
CA TYR A 123 -1.31 -21.23 5.76
C TYR A 123 -0.16 -21.60 4.81
N GLN A 124 0.88 -20.78 4.77
CA GLN A 124 1.99 -21.05 3.85
C GLN A 124 2.89 -22.21 4.25
N LEU A 125 2.59 -22.85 5.38
CA LEU A 125 3.38 -23.98 5.84
C LEU A 125 2.52 -25.24 5.84
N SER A 126 1.29 -25.11 5.36
CA SER A 126 0.36 -26.23 5.30
C SER A 126 0.80 -27.21 4.22
N LYS A 127 0.40 -28.47 4.37
CA LYS A 127 0.77 -29.50 3.41
C LYS A 127 0.26 -29.20 2.00
N GLU A 128 -0.99 -28.76 1.89
CA GLU A 128 -1.56 -28.47 0.58
C GLU A 128 -0.82 -27.35 -0.14
N TYR A 129 -0.50 -26.28 0.60
CA TYR A 129 0.22 -25.15 0.02
C TYR A 129 1.63 -25.61 -0.39
N THR A 130 2.29 -26.36 0.49
CA THR A 130 3.64 -26.83 0.21
C THR A 130 3.66 -27.71 -1.04
N LEU A 131 2.65 -28.57 -1.17
CA LEU A 131 2.58 -29.42 -2.35
C LEU A 131 2.48 -28.55 -3.61
N ASP A 132 1.74 -27.44 -3.52
CA ASP A 132 1.61 -26.56 -4.66
C ASP A 132 2.92 -25.83 -4.95
N VAL A 133 3.72 -25.57 -3.92
CA VAL A 133 4.99 -24.90 -4.13
C VAL A 133 5.88 -25.83 -4.96
N TYR A 134 5.88 -27.13 -4.62
CA TYR A 134 6.69 -28.07 -5.37
C TYR A 134 6.14 -28.28 -6.77
N ARG A 135 4.82 -28.28 -6.92
CA ARG A 135 4.22 -28.43 -8.24
C ARG A 135 4.63 -27.23 -9.11
N LEU A 136 4.57 -26.04 -8.51
CA LEU A 136 4.95 -24.83 -9.22
C LEU A 136 6.43 -24.88 -9.60
N SER A 137 7.26 -25.38 -8.69
CA SER A 137 8.70 -25.45 -8.96
C SER A 137 9.01 -26.36 -10.13
N SER A 138 8.13 -27.30 -10.43
CA SER A 138 8.35 -28.24 -11.53
C SER A 138 8.07 -27.62 -12.90
N VAL A 139 7.42 -26.46 -12.93
CA VAL A 139 7.13 -25.81 -14.20
C VAL A 139 7.77 -24.44 -14.35
N VAL A 140 8.13 -23.83 -13.22
CA VAL A 140 8.76 -22.51 -13.25
C VAL A 140 10.27 -22.64 -13.45
N THR A 141 10.79 -21.92 -14.43
CA THR A 141 12.22 -21.97 -14.70
C THR A 141 12.97 -21.04 -13.75
N GLN A 142 14.23 -21.36 -13.51
CA GLN A 142 15.06 -20.53 -12.65
C GLN A 142 15.07 -19.13 -13.25
N HIS A 143 15.14 -19.07 -14.57
CA HIS A 143 15.15 -17.81 -15.32
C HIS A 143 13.94 -16.94 -15.01
N ASP A 144 12.75 -17.50 -15.20
CA ASP A 144 11.52 -16.77 -14.95
C ASP A 144 11.37 -16.33 -13.49
N SER A 145 11.80 -17.17 -12.56
CA SER A 145 11.70 -16.83 -11.15
C SER A 145 12.59 -15.65 -10.81
N LYS A 146 13.81 -15.64 -11.34
CA LYS A 146 14.74 -14.56 -11.08
C LYS A 146 14.24 -13.27 -11.70
N LYS A 147 13.71 -13.36 -12.91
CA LYS A 147 13.19 -12.20 -13.62
C LYS A 147 11.96 -11.61 -12.96
N ALA A 148 11.08 -12.48 -12.46
CA ALA A 148 9.85 -12.03 -11.81
C ALA A 148 10.08 -11.19 -10.56
N GLY A 149 11.14 -11.47 -9.81
CA GLY A 149 11.38 -10.71 -8.59
C GLY A 149 12.44 -9.62 -8.68
N ALA A 150 12.93 -9.34 -9.88
CA ALA A 150 13.97 -8.34 -10.09
C ALA A 150 13.74 -6.97 -9.43
N GLU A 151 12.51 -6.48 -9.46
CA GLU A 151 12.20 -5.18 -8.88
C GLU A 151 11.62 -5.25 -7.47
N VAL A 152 11.48 -6.47 -6.94
CA VAL A 152 10.90 -6.63 -5.61
C VAL A 152 11.87 -7.18 -4.57
N VAL A 153 12.51 -8.32 -4.89
CA VAL A 153 13.45 -8.92 -3.96
C VAL A 153 14.79 -8.21 -4.01
N LYS A 154 15.43 -8.05 -2.87
CA LYS A 154 16.72 -7.38 -2.81
C LYS A 154 17.68 -8.14 -3.72
N GLN A 155 18.33 -7.42 -4.63
CA GLN A 155 19.27 -8.01 -5.55
C GLN A 155 20.67 -7.97 -4.95
N VAL A 156 21.25 -9.15 -4.69
CA VAL A 156 22.58 -9.23 -4.11
C VAL A 156 23.58 -9.91 -5.05
N GLU A 157 24.87 -9.79 -4.72
CA GLU A 157 25.92 -10.37 -5.55
C GLU A 157 25.75 -11.87 -5.74
N HIS A 158 25.48 -12.58 -4.65
CA HIS A 158 25.29 -14.03 -4.70
C HIS A 158 23.86 -14.37 -4.31
N PRO A 159 22.93 -14.32 -5.28
CA PRO A 159 21.50 -14.61 -5.09
C PRO A 159 21.21 -15.90 -4.32
N LEU A 160 20.35 -15.81 -3.31
CA LEU A 160 19.97 -16.95 -2.49
C LEU A 160 18.77 -17.67 -3.08
N LEU A 161 18.64 -18.95 -2.77
CA LEU A 161 17.53 -19.73 -3.28
C LEU A 161 16.19 -19.14 -2.81
N SER A 162 16.18 -18.60 -1.60
CA SER A 162 14.97 -18.00 -1.03
C SER A 162 14.39 -16.93 -1.96
N GLY A 163 15.26 -16.14 -2.56
CA GLY A 163 14.81 -15.09 -3.46
C GLY A 163 14.08 -15.63 -4.67
N LEU A 164 14.44 -16.84 -5.09
CA LEU A 164 13.79 -17.46 -6.24
C LEU A 164 12.42 -18.04 -5.89
N LEU A 165 12.22 -18.41 -4.63
CA LEU A 165 10.95 -18.98 -4.18
C LEU A 165 9.91 -17.88 -3.96
N TYR A 166 10.38 -16.70 -3.57
CA TYR A 166 9.53 -15.55 -3.27
C TYR A 166 8.37 -15.29 -4.25
N PRO A 167 8.65 -15.13 -5.55
CA PRO A 167 7.59 -14.88 -6.54
C PRO A 167 6.51 -15.96 -6.60
N GLY A 168 6.94 -17.21 -6.56
CA GLY A 168 6.01 -18.32 -6.62
C GLY A 168 5.03 -18.35 -5.46
N LEU A 169 5.50 -18.04 -4.27
CA LEU A 169 4.61 -18.03 -3.12
C LEU A 169 3.63 -16.86 -3.23
N GLN A 170 4.09 -15.72 -3.73
CA GLN A 170 3.18 -14.59 -3.87
C GLN A 170 2.08 -14.95 -4.86
N ALA A 171 2.43 -15.70 -5.90
CA ALA A 171 1.43 -16.11 -6.89
C ALA A 171 0.43 -17.06 -6.23
N LEU A 172 0.94 -18.05 -5.51
CA LEU A 172 0.06 -19.01 -4.86
C LEU A 172 -0.85 -18.35 -3.83
N ASP A 173 -0.38 -17.27 -3.22
CA ASP A 173 -1.19 -16.57 -2.24
C ASP A 173 -2.55 -16.15 -2.83
N GLU A 174 -2.57 -15.83 -4.12
CA GLU A 174 -3.81 -15.41 -4.76
C GLU A 174 -4.86 -16.52 -4.69
N GLU A 175 -4.42 -17.75 -4.91
CA GLU A 175 -5.33 -18.88 -4.87
C GLU A 175 -5.74 -19.25 -3.44
N TYR A 176 -4.78 -19.31 -2.53
CA TYR A 176 -5.10 -19.68 -1.16
C TYR A 176 -5.92 -18.65 -0.40
N LEU A 177 -5.80 -17.38 -0.79
CA LEU A 177 -6.59 -16.34 -0.14
C LEU A 177 -7.95 -16.24 -0.84
N LYS A 178 -8.13 -17.07 -1.87
CA LYS A 178 -9.37 -17.15 -2.64
C LYS A 178 -9.88 -15.79 -3.11
N VAL A 179 -9.01 -15.01 -3.74
CA VAL A 179 -9.39 -13.70 -4.23
C VAL A 179 -9.58 -13.69 -5.74
N ASP A 180 -10.18 -12.60 -6.23
CA ASP A 180 -10.40 -12.40 -7.66
C ASP A 180 -9.31 -11.50 -8.20
N ALA A 181 -8.70 -10.73 -7.29
CA ALA A 181 -7.69 -9.76 -7.69
C ALA A 181 -6.68 -9.45 -6.60
N GLN A 182 -5.55 -8.88 -7.00
CA GLN A 182 -4.52 -8.47 -6.06
C GLN A 182 -4.15 -7.03 -6.42
N PHE A 183 -3.98 -6.20 -5.39
CA PHE A 183 -3.61 -4.81 -5.55
C PHE A 183 -2.21 -4.61 -5.00
N GLY A 184 -1.41 -3.80 -5.70
CA GLY A 184 -0.07 -3.52 -5.24
C GLY A 184 0.52 -2.38 -6.04
N GLY A 185 1.79 -2.07 -5.80
CA GLY A 185 2.42 -1.01 -6.58
C GLY A 185 2.82 -1.54 -7.94
N ILE A 186 3.12 -0.64 -8.87
CA ILE A 186 3.51 -1.04 -10.20
C ILE A 186 4.83 -1.81 -10.15
N ASP A 187 5.55 -1.70 -9.04
CA ASP A 187 6.82 -2.43 -8.90
C ASP A 187 6.57 -3.93 -8.75
N GLN A 188 5.31 -4.31 -8.56
CA GLN A 188 4.94 -5.72 -8.44
C GLN A 188 4.57 -6.31 -9.80
N ARG A 189 4.57 -5.47 -10.84
CA ARG A 189 4.14 -5.94 -12.16
C ARG A 189 4.71 -7.27 -12.67
N LYS A 190 6.01 -7.45 -12.55
CA LYS A 190 6.62 -8.69 -13.02
C LYS A 190 6.17 -9.91 -12.23
N ILE A 191 5.82 -9.71 -10.96
CA ILE A 191 5.32 -10.83 -10.15
C ILE A 191 3.88 -11.09 -10.57
N PHE A 192 3.15 -10.01 -10.85
CA PHE A 192 1.75 -10.13 -11.26
C PHE A 192 1.61 -10.85 -12.61
N THR A 193 2.45 -10.53 -13.59
CA THR A 193 2.36 -11.19 -14.88
C THR A 193 2.80 -12.64 -14.74
N PHE A 194 3.77 -12.87 -13.84
CA PHE A 194 4.27 -14.21 -13.54
C PHE A 194 3.11 -15.04 -13.01
N ALA A 195 2.31 -14.44 -12.12
CA ALA A 195 1.17 -15.14 -11.54
C ALA A 195 0.09 -15.42 -12.57
N GLU A 196 -0.10 -14.49 -13.52
CA GLU A 196 -1.11 -14.68 -14.56
C GLU A 196 -0.73 -15.81 -15.50
N LYS A 197 0.58 -16.01 -15.68
CA LYS A 197 1.08 -17.05 -16.57
C LYS A 197 1.12 -18.43 -15.92
N TYR A 198 1.59 -18.48 -14.68
CA TYR A 198 1.75 -19.76 -13.99
C TYR A 198 0.61 -20.34 -13.17
N LEU A 199 -0.28 -19.52 -12.64
CA LEU A 199 -1.38 -20.11 -11.86
C LEU A 199 -2.20 -21.06 -12.74
N PRO A 200 -2.47 -20.67 -13.99
CA PRO A 200 -3.24 -21.55 -14.87
C PRO A 200 -2.55 -22.90 -15.09
N ALA A 201 -1.22 -22.89 -15.00
CA ALA A 201 -0.44 -24.10 -15.19
C ALA A 201 -0.74 -25.10 -14.07
N LEU A 202 -1.21 -24.59 -12.93
CA LEU A 202 -1.54 -25.42 -11.79
C LEU A 202 -3.05 -25.63 -11.68
N GLY A 203 -3.77 -25.25 -12.73
CA GLY A 203 -5.21 -25.41 -12.74
C GLY A 203 -5.96 -24.31 -12.01
N TYR A 204 -5.25 -23.25 -11.62
CA TYR A 204 -5.87 -22.13 -10.92
C TYR A 204 -6.12 -20.98 -11.88
N SER A 205 -7.12 -20.16 -11.56
CA SER A 205 -7.48 -19.03 -12.42
C SER A 205 -6.52 -17.85 -12.30
N LYS A 206 -6.38 -17.12 -13.40
CA LYS A 206 -5.54 -15.94 -13.40
C LYS A 206 -6.36 -14.87 -12.69
N ARG A 207 -5.69 -14.01 -11.96
CA ARG A 207 -6.38 -12.95 -11.23
C ARG A 207 -6.26 -11.61 -11.92
N VAL A 208 -7.16 -10.70 -11.52
CA VAL A 208 -7.15 -9.32 -11.99
C VAL A 208 -6.02 -8.68 -11.18
N HIS A 209 -5.27 -7.77 -11.79
CA HIS A 209 -4.19 -7.10 -11.09
C HIS A 209 -4.30 -5.58 -11.19
N LEU A 210 -4.34 -4.94 -10.03
CA LEU A 210 -4.47 -3.49 -9.95
C LEU A 210 -3.16 -2.92 -9.45
N MET A 211 -2.59 -2.00 -10.22
CA MET A 211 -1.30 -1.43 -9.87
C MET A 211 -1.28 0.07 -9.67
N ASN A 212 -0.86 0.48 -8.48
CA ASN A 212 -0.74 1.89 -8.11
C ASN A 212 0.58 2.39 -8.71
N PRO A 213 0.70 3.70 -8.93
CA PRO A 213 1.97 4.16 -9.48
C PRO A 213 2.97 4.19 -8.30
N MET A 214 4.25 4.37 -8.60
CA MET A 214 5.21 4.48 -7.52
C MET A 214 5.16 5.97 -7.16
N VAL A 215 4.53 6.27 -6.04
CA VAL A 215 4.36 7.64 -5.58
C VAL A 215 5.54 8.16 -4.78
N PRO A 216 6.09 9.32 -5.18
CA PRO A 216 7.24 9.89 -4.46
C PRO A 216 6.86 10.17 -3.00
N GLY A 217 7.80 9.94 -2.09
CA GLY A 217 7.52 10.16 -0.68
C GLY A 217 7.53 11.62 -0.26
N LEU A 218 6.95 11.89 0.91
CA LEU A 218 6.89 13.24 1.43
C LEU A 218 8.27 13.82 1.70
N THR A 219 9.21 12.97 2.13
CA THR A 219 10.56 13.40 2.43
C THR A 219 11.54 13.08 1.32
N GLY A 220 11.06 13.07 0.08
CA GLY A 220 11.92 12.76 -1.05
C GLY A 220 11.96 11.28 -1.37
N LYS A 231 12.24 9.71 6.11
CA LYS A 231 10.89 9.17 6.16
C LYS A 231 10.20 9.51 7.48
N ILE A 232 8.94 9.92 7.39
CA ILE A 232 8.16 10.27 8.57
C ILE A 232 7.51 9.02 9.15
N ASP A 233 7.91 8.63 10.35
CA ASP A 233 7.35 7.45 10.99
C ASP A 233 5.94 7.77 11.46
N LEU A 234 5.09 6.75 11.50
CA LEU A 234 3.71 6.93 11.93
C LEU A 234 3.61 7.40 13.38
N LEU A 235 4.69 7.23 14.14
CA LEU A 235 4.70 7.65 15.53
C LEU A 235 5.55 8.88 15.80
N ASP A 236 6.10 9.48 14.74
CA ASP A 236 6.92 10.69 14.90
C ASP A 236 6.12 11.81 15.56
N ARG A 237 6.77 12.52 16.47
CA ARG A 237 6.13 13.64 17.17
C ARG A 237 5.92 14.79 16.19
N LYS A 238 4.97 15.65 16.48
CA LYS A 238 4.67 16.80 15.62
C LYS A 238 5.91 17.60 15.29
N GLU A 239 6.83 17.70 16.24
CA GLU A 239 8.06 18.45 16.04
C GLU A 239 8.91 17.84 14.93
N ASP A 240 9.00 16.52 14.92
CA ASP A 240 9.79 15.83 13.90
C ASP A 240 9.08 15.85 12.54
N VAL A 241 7.76 15.86 12.55
CA VAL A 241 6.99 15.91 11.32
C VAL A 241 7.31 17.23 10.62
N LYS A 242 7.28 18.31 11.40
CA LYS A 242 7.57 19.64 10.87
C LYS A 242 8.98 19.69 10.31
N LYS A 243 9.94 19.24 11.08
CA LYS A 243 11.35 19.24 10.67
C LYS A 243 11.56 18.47 9.38
N LYS A 244 10.94 17.30 9.27
CA LYS A 244 11.10 16.48 8.07
C LYS A 244 10.37 17.09 6.87
N LEU A 245 9.27 17.79 7.12
CA LEU A 245 8.53 18.43 6.05
C LEU A 245 9.27 19.69 5.63
N LYS A 246 10.04 20.24 6.58
CA LYS A 246 10.82 21.45 6.33
C LYS A 246 11.62 21.30 5.04
N LYS A 247 11.96 20.06 4.70
CA LYS A 247 12.72 19.77 3.50
C LYS A 247 11.75 19.36 2.39
N ALA A 248 11.77 18.09 2.02
CA ALA A 248 10.88 17.56 0.98
C ALA A 248 11.04 18.29 -0.35
N PHE A 249 11.14 17.54 -1.43
CA PHE A 249 11.29 18.14 -2.74
C PHE A 249 9.96 18.80 -3.15
N CYS A 250 9.90 20.11 -3.00
CA CYS A 250 8.71 20.86 -3.33
C CYS A 250 9.11 22.23 -3.89
N GLU A 251 9.51 22.25 -5.15
CA GLU A 251 9.95 23.47 -5.81
C GLU A 251 8.77 24.28 -6.35
N PRO A 252 8.83 25.62 -6.20
CA PRO A 252 7.73 26.43 -6.71
C PRO A 252 7.39 26.19 -8.18
N GLY A 253 6.10 26.03 -8.45
CA GLY A 253 5.64 25.80 -9.81
C GLY A 253 5.96 24.44 -10.41
N ASN A 254 6.73 23.63 -9.71
CA ASN A 254 7.11 22.31 -10.23
C ASN A 254 6.11 21.25 -9.78
N VAL A 255 5.25 20.81 -10.69
CA VAL A 255 4.24 19.81 -10.36
C VAL A 255 4.66 18.36 -10.57
N GLU A 256 5.91 18.13 -10.99
CA GLU A 256 6.39 16.77 -11.21
C GLU A 256 7.31 16.32 -10.06
N ASN A 257 7.29 15.02 -9.77
CA ASN A 257 8.14 14.45 -8.72
C ASN A 257 7.97 15.18 -7.40
N ASN A 258 6.78 15.72 -7.17
CA ASN A 258 6.48 16.47 -5.96
C ASN A 258 5.76 15.60 -4.93
N GLY A 259 6.50 15.18 -3.89
CA GLY A 259 5.94 14.33 -2.86
C GLY A 259 4.80 14.92 -2.08
N VAL A 260 4.81 16.24 -1.92
CA VAL A 260 3.74 16.91 -1.18
C VAL A 260 2.45 16.87 -1.99
N LEU A 261 2.54 17.23 -3.27
CA LEU A 261 1.38 17.19 -4.14
C LEU A 261 0.88 15.76 -4.29
N SER A 262 1.82 14.81 -4.37
CA SER A 262 1.46 13.41 -4.51
C SER A 262 0.66 12.90 -3.31
N PHE A 263 1.05 13.31 -2.10
CA PHE A 263 0.34 12.87 -0.90
C PHE A 263 -1.09 13.41 -0.94
N ILE A 264 -1.25 14.64 -1.40
CA ILE A 264 -2.57 15.23 -1.47
C ILE A 264 -3.41 14.47 -2.50
N LYS A 265 -2.83 14.19 -3.66
CA LYS A 265 -3.52 13.48 -4.72
C LYS A 265 -3.97 12.07 -4.35
N HIS A 266 -3.05 11.31 -3.76
CA HIS A 266 -3.33 9.91 -3.41
C HIS A 266 -3.88 9.60 -2.04
N VAL A 267 -3.79 10.55 -1.11
CA VAL A 267 -4.29 10.31 0.24
C VAL A 267 -5.38 11.28 0.70
N LEU A 268 -5.08 12.58 0.69
CA LEU A 268 -6.03 13.56 1.17
C LEU A 268 -7.31 13.74 0.35
N PHE A 269 -7.21 13.75 -0.98
CA PHE A 269 -8.42 13.90 -1.79
C PHE A 269 -9.33 12.67 -1.66
N PRO A 270 -8.76 11.46 -1.72
CA PRO A 270 -9.63 10.29 -1.60
C PRO A 270 -10.33 10.24 -0.23
N LEU A 271 -9.62 10.71 0.80
CA LEU A 271 -10.15 10.73 2.16
C LEU A 271 -11.27 11.75 2.40
N LYS A 272 -11.00 13.00 2.05
CA LYS A 272 -11.97 14.08 2.28
C LYS A 272 -12.77 14.55 1.06
N SER A 273 -12.35 14.14 -0.14
CA SER A 273 -13.00 14.53 -1.38
C SER A 273 -12.76 16.00 -1.71
N GLU A 274 -11.90 16.63 -0.93
CA GLU A 274 -11.56 18.03 -1.13
C GLU A 274 -10.25 18.30 -0.41
N PHE A 275 -9.65 19.44 -0.70
CA PHE A 275 -8.41 19.82 -0.05
C PHE A 275 -8.41 21.32 0.16
N VAL A 276 -8.15 21.73 1.40
CA VAL A 276 -8.13 23.14 1.73
C VAL A 276 -6.69 23.65 1.81
N ILE A 277 -6.38 24.69 1.04
CA ILE A 277 -5.06 25.27 1.11
C ILE A 277 -5.15 26.42 2.11
N LEU A 278 -4.26 26.40 3.10
CA LEU A 278 -4.22 27.44 4.11
C LEU A 278 -3.32 28.53 3.53
N ARG A 279 -3.89 29.71 3.32
CA ARG A 279 -3.14 30.80 2.71
C ARG A 279 -3.57 32.13 3.34
N ASP A 280 -2.61 33.03 3.54
CA ASP A 280 -2.91 34.33 4.13
C ASP A 280 -3.85 35.16 3.26
N GLU A 281 -4.62 36.03 3.89
CA GLU A 281 -5.55 36.89 3.18
C GLU A 281 -4.81 37.72 2.12
N LYS A 282 -3.57 38.08 2.43
CA LYS A 282 -2.74 38.88 1.53
C LYS A 282 -2.61 38.24 0.15
N TRP A 283 -2.59 36.92 0.12
CA TRP A 283 -2.44 36.18 -1.12
C TRP A 283 -3.71 35.49 -1.61
N GLY A 284 -4.85 35.91 -1.09
CA GLY A 284 -6.12 35.35 -1.53
C GLY A 284 -6.92 34.59 -0.50
N GLY A 285 -6.31 34.32 0.65
CA GLY A 285 -6.99 33.59 1.70
C GLY A 285 -7.12 32.11 1.38
N ASN A 286 -7.73 31.36 2.28
CA ASN A 286 -7.91 29.92 2.08
C ASN A 286 -8.71 29.63 0.82
N LYS A 287 -8.44 28.48 0.21
CA LYS A 287 -9.17 28.06 -0.96
C LYS A 287 -9.43 26.57 -0.86
N THR A 288 -10.66 26.16 -1.17
CA THR A 288 -11.04 24.75 -1.12
C THR A 288 -11.11 24.19 -2.54
N TYR A 289 -10.32 23.15 -2.79
CA TYR A 289 -10.30 22.51 -4.10
C TYR A 289 -11.13 21.25 -4.06
N THR A 290 -11.90 21.00 -5.13
CA THR A 290 -12.74 19.82 -5.20
C THR A 290 -12.16 18.78 -6.16
N ALA A 291 -11.08 19.15 -6.84
CA ALA A 291 -10.41 18.25 -7.77
C ALA A 291 -8.91 18.53 -7.72
N TYR A 292 -8.11 17.46 -7.71
CA TYR A 292 -6.66 17.62 -7.66
C TYR A 292 -6.13 18.47 -8.81
N VAL A 293 -6.67 18.26 -10.01
CA VAL A 293 -6.22 19.01 -11.18
C VAL A 293 -6.28 20.52 -10.97
N ASP A 294 -7.27 20.99 -10.22
CA ASP A 294 -7.41 22.42 -9.96
C ASP A 294 -6.30 22.92 -9.05
N LEU A 295 -5.92 22.10 -8.08
CA LEU A 295 -4.83 22.46 -7.16
C LEU A 295 -3.52 22.48 -7.93
N GLU A 296 -3.31 21.46 -8.77
CA GLU A 296 -2.09 21.36 -9.55
C GLU A 296 -1.93 22.60 -10.44
N LYS A 297 -3.04 23.04 -11.03
CA LYS A 297 -3.04 24.21 -11.90
C LYS A 297 -2.59 25.45 -11.13
N ASP A 298 -3.13 25.63 -9.92
CA ASP A 298 -2.76 26.77 -9.10
C ASP A 298 -1.31 26.69 -8.63
N PHE A 299 -0.82 25.48 -8.35
CA PHE A 299 0.56 25.35 -7.91
C PHE A 299 1.48 25.69 -9.08
N ALA A 300 1.12 25.22 -10.27
CA ALA A 300 1.92 25.50 -11.46
C ALA A 300 1.96 27.00 -11.75
N ALA A 301 0.84 27.67 -11.48
CA ALA A 301 0.73 29.11 -11.71
C ALA A 301 1.45 29.89 -10.61
N GLU A 302 1.90 29.16 -9.60
CA GLU A 302 2.62 29.74 -8.46
C GLU A 302 1.78 30.67 -7.59
N VAL A 303 0.50 30.33 -7.45
CA VAL A 303 -0.38 31.11 -6.57
C VAL A 303 -0.64 30.30 -5.30
N VAL A 304 0.01 29.14 -5.21
CA VAL A 304 -0.02 28.30 -4.02
C VAL A 304 1.46 28.08 -3.75
N HIS A 305 1.96 28.72 -2.70
CA HIS A 305 3.37 28.64 -2.34
C HIS A 305 3.75 27.32 -1.69
N PRO A 306 4.99 26.86 -1.91
CA PRO A 306 5.43 25.58 -1.32
C PRO A 306 5.22 25.56 0.19
N GLY A 307 5.56 26.67 0.85
CA GLY A 307 5.40 26.74 2.30
C GLY A 307 3.97 26.55 2.74
N ASP A 308 3.03 27.12 2.01
CA ASP A 308 1.63 27.00 2.36
C ASP A 308 1.12 25.60 2.01
N LEU A 309 1.63 25.04 0.92
CA LEU A 309 1.23 23.69 0.53
C LEU A 309 1.68 22.73 1.63
N LYS A 310 2.93 22.87 2.07
CA LYS A 310 3.47 22.02 3.11
C LYS A 310 2.73 22.20 4.44
N ASN A 311 2.43 23.45 4.79
CA ASN A 311 1.72 23.71 6.03
C ASN A 311 0.32 23.08 6.00
N SER A 312 -0.33 23.15 4.85
CA SER A 312 -1.66 22.58 4.69
C SER A 312 -1.63 21.06 4.84
N VAL A 313 -0.57 20.44 4.33
CA VAL A 313 -0.43 18.98 4.43
C VAL A 313 -0.02 18.62 5.86
N GLU A 314 0.80 19.45 6.48
CA GLU A 314 1.25 19.21 7.84
C GLU A 314 0.08 19.15 8.80
N VAL A 315 -0.85 20.08 8.66
CA VAL A 315 -2.02 20.13 9.52
C VAL A 315 -2.86 18.86 9.33
N ALA A 316 -3.12 18.51 8.07
CA ALA A 316 -3.91 17.34 7.75
C ALA A 316 -3.24 16.05 8.19
N LEU A 317 -1.92 15.96 8.00
CA LEU A 317 -1.17 14.77 8.39
C LEU A 317 -1.18 14.56 9.90
N ASN A 318 -1.00 15.64 10.66
CA ASN A 318 -1.02 15.50 12.11
C ASN A 318 -2.38 15.03 12.59
N LYS A 319 -3.43 15.38 11.85
CA LYS A 319 -4.78 14.96 12.19
C LYS A 319 -4.88 13.44 12.00
N LEU A 320 -4.17 12.93 11.00
CA LEU A 320 -4.17 11.50 10.72
C LEU A 320 -3.33 10.73 11.73
N LEU A 321 -2.22 11.35 12.14
CA LEU A 321 -1.31 10.69 13.08
C LEU A 321 -1.71 10.79 14.56
N ASP A 322 -2.43 11.83 14.94
CA ASP A 322 -2.81 12.00 16.34
C ASP A 322 -3.41 10.77 17.01
N PRO A 323 -4.48 10.19 16.45
CA PRO A 323 -5.07 9.01 17.07
C PRO A 323 -4.11 7.82 17.13
N ILE A 324 -3.18 7.76 16.18
CA ILE A 324 -2.21 6.67 16.13
C ILE A 324 -1.16 6.85 17.22
N ARG A 325 -0.66 8.06 17.38
CA ARG A 325 0.35 8.34 18.39
C ARG A 325 -0.25 8.14 19.78
N GLU A 326 -1.53 8.43 19.93
CA GLU A 326 -2.21 8.26 21.21
C GLU A 326 -2.40 6.78 21.52
N LYS A 327 -2.77 6.00 20.50
CA LYS A 327 -2.98 4.57 20.67
C LYS A 327 -1.72 3.88 21.16
N PHE A 328 -0.58 4.22 20.57
CA PHE A 328 0.70 3.62 20.95
C PHE A 328 1.36 4.29 22.13
N ASN A 329 0.63 5.15 22.83
CA ASN A 329 1.16 5.85 23.99
C ASN A 329 0.91 5.04 25.26
N THR A 330 1.22 3.75 25.20
CA THR A 330 1.03 2.86 26.34
C THR A 330 2.30 2.06 26.59
N PRO A 331 2.47 1.58 27.84
CA PRO A 331 3.67 0.79 28.19
C PRO A 331 3.80 -0.46 27.32
N ALA A 332 2.67 -1.11 27.06
CA ALA A 332 2.65 -2.33 26.26
C ALA A 332 3.08 -2.11 24.82
N LEU A 333 2.44 -1.16 24.15
CA LEU A 333 2.78 -0.86 22.76
C LEU A 333 4.16 -0.23 22.62
N LYS A 334 4.59 0.52 23.64
CA LYS A 334 5.90 1.14 23.61
C LYS A 334 6.94 0.02 23.68
N LYS A 335 6.62 -1.01 24.46
CA LYS A 335 7.52 -2.16 24.63
C LYS A 335 7.60 -2.95 23.33
N LEU A 336 6.46 -3.12 22.68
CA LEU A 336 6.41 -3.86 21.41
C LEU A 336 7.25 -3.17 20.35
N ALA A 337 7.08 -1.86 20.23
CA ALA A 337 7.83 -1.08 19.24
C ALA A 337 9.33 -1.31 19.39
N SER A 338 9.82 -1.25 20.62
CA SER A 338 11.24 -1.45 20.89
C SER A 338 11.68 -2.89 20.66
N ALA A 339 10.82 -3.83 21.04
CA ALA A 339 11.13 -5.25 20.87
C ALA A 339 11.16 -5.65 19.41
N ALA A 340 10.22 -5.12 18.63
CA ALA A 340 10.12 -5.43 17.21
C ALA A 340 11.27 -4.80 16.42
N TYR A 341 11.78 -3.67 16.91
CA TYR A 341 12.87 -2.99 16.23
C TYR A 341 13.95 -2.52 17.21
N PRO A 342 14.83 -3.45 17.64
CA PRO A 342 15.92 -3.15 18.58
C PRO A 342 16.84 -2.05 18.07
P PO4 B . 6.60 30.18 1.01
O1 PO4 B . 6.90 29.05 0.11
O2 PO4 B . 7.74 30.38 1.95
O3 PO4 B . 6.38 31.42 0.23
O4 PO4 B . 5.37 29.89 1.80
K K C . 6.80 -3.78 4.19
C TYE D . 6.27 -6.49 -1.32
N TYE D . 5.98 -8.44 -2.81
O TYE D . 6.86 -5.80 -2.43
CA TYE D . 5.25 -7.65 -1.82
CB TYE D . 4.80 -8.19 -0.54
CG TYE D . 3.81 -9.34 -0.79
OH TYE D . 1.12 -12.52 -1.48
CZ TYE D . 1.99 -11.49 -1.24
CD1 TYE D . 4.14 -10.67 -0.38
CD2 TYE D . 2.55 -9.11 -1.42
CE1 TYE D . 3.24 -11.75 -0.62
CE2 TYE D . 1.65 -10.18 -1.66
C1 GOL E . -13.47 12.51 -7.81
O1 GOL E . -14.86 12.63 -8.04
C2 GOL E . -13.05 11.05 -8.02
O2 GOL E . -13.89 10.01 -7.53
C3 GOL E . -11.75 10.69 -8.73
O3 GOL E . -11.05 11.85 -9.14
C1 GOL F . -3.36 -28.90 6.11
O1 GOL F . -2.99 -29.05 4.73
C2 GOL F . -2.09 -28.83 6.97
O2 GOL F . -0.98 -29.65 6.66
C3 GOL F . -2.02 -27.90 8.18
O3 GOL F . -3.22 -27.18 8.35
#